data_7DLM
#
_entry.id   7DLM
#
_cell.length_a   69.678
_cell.length_b   114.895
_cell.length_c   126.129
_cell.angle_alpha   90.000
_cell.angle_beta   90.000
_cell.angle_gamma   90.000
#
_symmetry.space_group_name_H-M   'C 2 2 21'
#
loop_
_entity.id
_entity.type
_entity.pdbx_description
1 polymer 'Carbonyl Reductase'
2 non-polymer 'NADPH DIHYDRO-NICOTINAMIDE-ADENINE-DINUCLEOTIDE PHOSPHATE'
3 water water
#
_entity_poly.entity_id   1
_entity_poly.type   'polypeptide(L)'
_entity_poly.pdbx_seq_one_letter_code
;SMGEIESYCNKELGPLPTKAPTLSKNVLDLFSLKGKVASVTGSSGGIGWAVAEAYAQAGADVAIWYNSHPADEKAEHLQK
TYGVHSKAYKCNISDPKSVEETISQQEKDFGTIDVFVANAGVTWTQGPEIDVDNYDSWNKIISVDLNGVYYCSHNIGKIF
KKNGKGSLIITSSISGKIVNIPQLQAPYNTAKAACTHLAKSLAIEWAPFARVNTISPGYIDTDITDFASKDMKAKWWQLT
PLGREGLTQELVGGYLYLASNASTFTTGSDVVIDGGYTCP
;
_entity_poly.pdbx_strand_id   A,B
#
loop_
_chem_comp.id
_chem_comp.type
_chem_comp.name
_chem_comp.formula
NDP non-polymer 'NADPH DIHYDRO-NICOTINAMIDE-ADENINE-DINUCLEOTIDE PHOSPHATE' 'C21 H30 N7 O17 P3'
#
# COMPACT_ATOMS: atom_id res chain seq x y z
N SER A 1 -24.98 22.65 -17.17
CA SER A 1 -24.18 22.97 -15.99
C SER A 1 -24.91 23.96 -15.10
N MET A 2 -26.07 23.54 -14.64
CA MET A 2 -26.80 24.19 -13.55
C MET A 2 -27.45 23.05 -12.80
N GLY A 3 -27.43 23.11 -11.47
CA GLY A 3 -27.94 21.99 -10.69
C GLY A 3 -27.10 20.74 -10.83
N GLU A 4 -25.80 20.90 -11.00
CA GLU A 4 -24.86 19.79 -10.92
C GLU A 4 -23.62 20.29 -10.20
N ILE A 5 -23.04 19.43 -9.36
CA ILE A 5 -21.72 19.65 -8.81
C ILE A 5 -20.72 19.09 -9.82
N GLU A 6 -19.95 19.97 -10.44
CA GLU A 6 -18.98 19.57 -11.46
C GLU A 6 -17.61 19.44 -10.85
N SER A 7 -16.93 18.36 -11.22
CA SER A 7 -15.59 18.09 -10.74
C SER A 7 -14.62 19.17 -11.20
N TYR A 8 -13.72 19.58 -10.30
CA TYR A 8 -12.55 20.36 -10.68
C TYR A 8 -11.45 19.49 -11.29
N CYS A 9 -11.50 18.18 -11.03
CA CYS A 9 -10.49 17.26 -11.55
C CYS A 9 -10.81 16.80 -12.98
N ASN A 10 -12.04 16.33 -13.21
CA ASN A 10 -12.34 15.66 -14.48
C ASN A 10 -13.85 15.65 -14.64
N LYS A 11 -14.36 16.49 -15.56
CA LYS A 11 -15.80 16.62 -15.73
C LYS A 11 -16.42 15.37 -16.34
N GLU A 12 -15.63 14.46 -16.92
CA GLU A 12 -16.19 13.19 -17.36
C GLU A 12 -16.68 12.31 -16.22
N LEU A 13 -16.37 12.65 -14.98
CA LEU A 13 -16.98 11.93 -13.87
C LEU A 13 -18.49 12.09 -13.84
N GLY A 14 -19.01 13.15 -14.45
CA GLY A 14 -20.42 13.44 -14.36
C GLY A 14 -20.76 14.12 -13.06
N PRO A 15 -22.06 14.34 -12.82
CA PRO A 15 -22.49 15.07 -11.61
C PRO A 15 -22.05 14.38 -10.34
N LEU A 16 -21.52 15.20 -9.37
CA LEU A 16 -20.94 14.61 -8.17
C LEU A 16 -21.99 14.48 -7.05
N PRO A 17 -21.85 13.52 -6.12
CA PRO A 17 -20.74 12.55 -6.05
C PRO A 17 -20.96 11.32 -6.95
N THR A 18 -19.87 10.72 -7.41
CA THR A 18 -19.96 9.42 -8.06
C THR A 18 -20.43 8.36 -7.06
N LYS A 19 -20.91 7.25 -7.60
CA LYS A 19 -21.44 6.20 -6.75
C LYS A 19 -20.32 5.26 -6.29
N ALA A 20 -20.40 4.85 -5.04
CA ALA A 20 -19.45 3.90 -4.50
C ALA A 20 -19.74 2.50 -5.04
N PRO A 21 -18.72 1.67 -5.19
CA PRO A 21 -18.95 0.30 -5.68
C PRO A 21 -19.69 -0.52 -4.63
N THR A 22 -20.38 -1.57 -5.11
CA THR A 22 -20.98 -2.56 -4.23
C THR A 22 -19.97 -3.68 -4.02
N LEU A 23 -19.54 -3.88 -2.77
CA LEU A 23 -18.45 -4.79 -2.43
C LEU A 23 -18.96 -5.90 -1.53
N SER A 24 -18.23 -7.01 -1.49
CA SER A 24 -18.47 -8.00 -0.45
C SER A 24 -18.25 -7.41 0.93
N LYS A 25 -19.07 -7.83 1.90
CA LYS A 25 -18.80 -7.43 3.27
C LYS A 25 -17.71 -8.25 3.94
N ASN A 26 -17.16 -9.26 3.26
CA ASN A 26 -16.07 -10.07 3.79
C ASN A 26 -14.75 -9.65 3.15
N VAL A 27 -13.76 -9.34 3.99
CA VAL A 27 -12.51 -8.75 3.48
C VAL A 27 -11.78 -9.73 2.58
N LEU A 28 -11.83 -11.03 2.88
CA LEU A 28 -11.09 -11.99 2.08
C LEU A 28 -11.63 -12.08 0.65
N ASP A 29 -12.95 -11.94 0.47
CA ASP A 29 -13.51 -11.97 -0.88
C ASP A 29 -13.03 -10.81 -1.75
N LEU A 30 -12.59 -9.72 -1.12
CA LEU A 30 -12.19 -8.55 -1.90
C LEU A 30 -10.96 -8.82 -2.75
N PHE A 31 -10.12 -9.78 -2.34
CA PHE A 31 -8.86 -10.06 -3.02
C PHE A 31 -9.02 -11.06 -4.17
N SER A 32 -10.22 -11.60 -4.38
CA SER A 32 -10.41 -12.58 -5.44
C SER A 32 -10.30 -11.92 -6.81
N LEU A 33 -9.69 -12.64 -7.75
CA LEU A 33 -9.68 -12.24 -9.14
C LEU A 33 -10.48 -13.21 -9.99
N LYS A 34 -11.34 -14.02 -9.37
CA LYS A 34 -12.20 -14.91 -10.15
C LYS A 34 -13.03 -14.10 -11.14
N GLY A 35 -13.11 -14.59 -12.37
CA GLY A 35 -13.87 -13.91 -13.40
C GLY A 35 -13.16 -12.74 -14.06
N LYS A 36 -11.91 -12.47 -13.70
CA LYS A 36 -11.15 -11.34 -14.24
C LYS A 36 -9.99 -11.82 -15.09
N VAL A 37 -9.54 -10.94 -15.99
CA VAL A 37 -8.40 -11.19 -16.88
C VAL A 37 -7.28 -10.21 -16.52
N ALA A 38 -6.08 -10.74 -16.28
CA ALA A 38 -4.89 -9.94 -16.00
C ALA A 38 -3.85 -10.11 -17.10
N SER A 39 -3.16 -9.02 -17.42
CA SER A 39 -2.08 -9.01 -18.41
C SER A 39 -0.86 -8.38 -17.76
N VAL A 40 0.28 -9.08 -17.79
CA VAL A 40 1.46 -8.72 -16.98
C VAL A 40 2.68 -8.66 -17.91
N THR A 41 3.20 -7.46 -18.18
CA THR A 41 4.39 -7.43 -19.03
C THR A 41 5.65 -7.85 -18.24
N GLY A 42 6.66 -8.29 -18.97
CA GLY A 42 7.89 -8.77 -18.33
C GLY A 42 7.68 -9.97 -17.42
N SER A 43 6.78 -10.87 -17.78
CA SER A 43 6.46 -12.00 -16.93
C SER A 43 7.21 -13.27 -17.31
N SER A 44 8.18 -13.14 -18.24
CA SER A 44 9.29 -14.09 -18.28
C SER A 44 10.34 -13.80 -17.21
N GLY A 45 10.33 -12.60 -16.62
CA GLY A 45 11.33 -12.20 -15.65
C GLY A 45 10.88 -12.44 -14.22
N GLY A 46 11.75 -12.08 -13.27
CA GLY A 46 11.56 -12.42 -11.87
C GLY A 46 10.29 -11.90 -11.23
N ILE A 47 10.12 -10.58 -11.17
CA ILE A 47 8.94 -10.01 -10.51
C ILE A 47 7.68 -10.36 -11.28
N GLY A 48 7.72 -10.20 -12.62
CA GLY A 48 6.53 -10.42 -13.41
C GLY A 48 6.00 -11.84 -13.33
N TRP A 49 6.91 -12.83 -13.31
CA TRP A 49 6.45 -14.22 -13.18
C TRP A 49 5.81 -14.47 -11.82
N ALA A 50 6.41 -13.96 -10.74
CA ALA A 50 5.80 -14.12 -9.42
C ALA A 50 4.41 -13.50 -9.38
N VAL A 51 4.27 -12.30 -9.95
CA VAL A 51 2.95 -11.64 -9.98
C VAL A 51 1.96 -12.43 -10.84
N ALA A 52 2.39 -12.89 -12.01
CA ALA A 52 1.52 -13.68 -12.88
C ALA A 52 0.97 -14.91 -12.15
N GLU A 53 1.84 -15.64 -11.45
CA GLU A 53 1.38 -16.85 -10.78
C GLU A 53 0.45 -16.51 -9.60
N ALA A 54 0.74 -15.43 -8.89
CA ALA A 54 -0.13 -15.02 -7.78
C ALA A 54 -1.52 -14.67 -8.30
N TYR A 55 -1.60 -13.99 -9.43
CA TYR A 55 -2.89 -13.63 -9.98
C TYR A 55 -3.67 -14.86 -10.42
N ALA A 56 -2.97 -15.88 -10.97
CA ALA A 56 -3.63 -17.13 -11.31
C ALA A 56 -4.16 -17.85 -10.07
N GLN A 57 -3.38 -17.84 -8.99
CA GLN A 57 -3.83 -18.41 -7.71
C GLN A 57 -5.09 -17.73 -7.21
N ALA A 58 -5.20 -16.42 -7.43
CA ALA A 58 -6.36 -15.66 -7.01
C ALA A 58 -7.56 -15.82 -7.96
N GLY A 59 -7.40 -16.56 -9.07
CA GLY A 59 -8.49 -16.89 -9.97
C GLY A 59 -8.47 -16.22 -11.34
N ALA A 60 -7.50 -15.37 -11.65
CA ALA A 60 -7.50 -14.66 -12.93
C ALA A 60 -6.99 -15.53 -14.07
N ASP A 61 -7.56 -15.31 -15.25
CA ASP A 61 -6.88 -15.65 -16.49
C ASP A 61 -5.69 -14.70 -16.67
N VAL A 62 -4.58 -15.19 -17.22
CA VAL A 62 -3.36 -14.40 -17.23
C VAL A 62 -2.71 -14.41 -18.61
N ALA A 63 -2.48 -13.22 -19.17
CA ALA A 63 -1.67 -13.03 -20.36
C ALA A 63 -0.22 -12.77 -19.95
N ILE A 64 0.69 -13.60 -20.42
CA ILE A 64 2.10 -13.49 -20.12
C ILE A 64 2.82 -12.85 -21.30
N TRP A 65 3.85 -12.04 -21.00
CA TRP A 65 4.63 -11.31 -22.00
C TRP A 65 6.11 -11.69 -21.88
N TYR A 66 6.77 -11.84 -23.03
CA TYR A 66 8.21 -12.07 -23.05
C TYR A 66 8.80 -11.35 -24.26
N ASN A 67 10.13 -11.26 -24.28
CA ASN A 67 10.83 -10.70 -25.44
C ASN A 67 11.95 -11.65 -25.88
N SER A 68 13.05 -11.69 -25.12
CA SER A 68 14.18 -12.54 -25.48
C SER A 68 14.15 -13.93 -24.84
N HIS A 69 13.26 -14.19 -23.89
CA HIS A 69 13.14 -15.51 -23.28
C HIS A 69 11.71 -16.03 -23.40
N PRO A 70 11.42 -16.91 -24.37
CA PRO A 70 10.05 -17.41 -24.50
C PRO A 70 9.54 -18.10 -23.24
N ALA A 71 8.25 -17.87 -22.97
CA ALA A 71 7.60 -18.19 -21.71
C ALA A 71 6.30 -18.97 -21.95
N ASP A 72 6.23 -19.72 -23.05
CA ASP A 72 5.02 -20.51 -23.31
C ASP A 72 4.86 -21.59 -22.24
N GLU A 73 5.95 -22.24 -21.85
CA GLU A 73 6.00 -23.16 -20.72
C GLU A 73 5.37 -22.56 -19.50
N LYS A 74 5.68 -21.26 -19.28
CA LYS A 74 5.15 -20.61 -18.08
C LYS A 74 3.64 -20.46 -18.15
N ALA A 75 3.11 -20.03 -19.29
CA ALA A 75 1.66 -19.96 -19.43
C ALA A 75 1.02 -21.33 -19.27
N GLU A 76 1.62 -22.35 -19.89
CA GLU A 76 1.07 -23.70 -19.73
C GLU A 76 1.13 -24.18 -18.29
N HIS A 77 2.18 -23.80 -17.55
CA HIS A 77 2.22 -24.15 -16.13
C HIS A 77 1.03 -23.59 -15.36
N LEU A 78 0.62 -22.35 -15.66
CA LEU A 78 -0.55 -21.79 -14.99
C LEU A 78 -1.83 -22.55 -15.35
N GLN A 79 -1.98 -22.95 -16.62
CA GLN A 79 -3.18 -23.69 -17.01
C GLN A 79 -3.26 -25.03 -16.31
N LYS A 80 -2.16 -25.79 -16.30
CA LYS A 80 -2.16 -27.14 -15.73
C LYS A 80 -2.32 -27.11 -14.21
N THR A 81 -1.74 -26.09 -13.56
CA THR A 81 -1.69 -26.06 -12.10
C THR A 81 -2.96 -25.45 -11.51
N TYR A 82 -3.50 -24.39 -12.12
CA TYR A 82 -4.61 -23.66 -11.52
C TYR A 82 -5.90 -23.71 -12.33
N GLY A 83 -5.87 -24.24 -13.55
CA GLY A 83 -7.10 -24.32 -14.33
C GLY A 83 -7.61 -23.02 -14.89
N VAL A 84 -6.76 -21.98 -14.95
CA VAL A 84 -7.11 -20.72 -15.60
C VAL A 84 -6.67 -20.79 -17.06
N HIS A 85 -7.18 -19.87 -17.87
CA HIS A 85 -6.67 -19.69 -19.22
C HIS A 85 -5.42 -18.82 -19.18
N SER A 86 -4.37 -19.25 -19.87
CA SER A 86 -3.15 -18.46 -19.92
C SER A 86 -2.41 -18.71 -21.23
N LYS A 87 -1.88 -17.63 -21.79
CA LYS A 87 -1.20 -17.61 -23.09
C LYS A 87 -0.04 -16.63 -23.01
N ALA A 88 1.04 -16.91 -23.72
CA ALA A 88 2.23 -16.05 -23.73
C ALA A 88 2.40 -15.33 -25.06
N TYR A 89 2.89 -14.09 -25.00
CA TYR A 89 2.99 -13.20 -26.17
C TYR A 89 4.38 -12.61 -26.26
N LYS A 90 4.96 -12.61 -27.47
CA LYS A 90 6.27 -12.00 -27.70
C LYS A 90 6.08 -10.56 -28.16
N CYS A 91 6.82 -9.62 -27.55
CA CYS A 91 6.68 -8.21 -27.91
C CYS A 91 7.90 -7.44 -27.42
N ASN A 92 8.54 -6.68 -28.32
CA ASN A 92 9.51 -5.67 -27.92
C ASN A 92 8.75 -4.42 -27.48
N ILE A 93 8.85 -4.08 -26.19
CA ILE A 93 7.97 -3.07 -25.60
C ILE A 93 8.34 -1.69 -26.10
N SER A 94 9.52 -1.56 -26.73
CA SER A 94 10.02 -0.33 -27.33
C SER A 94 9.32 0.01 -28.64
N ASP A 95 8.59 -0.93 -29.21
CA ASP A 95 7.93 -0.78 -30.51
C ASP A 95 6.45 -0.48 -30.27
N PRO A 96 5.99 0.75 -30.50
CA PRO A 96 4.59 1.07 -30.17
C PRO A 96 3.58 0.31 -31.02
N LYS A 97 3.89 -0.01 -32.28
CA LYS A 97 2.95 -0.78 -33.09
C LYS A 97 2.81 -2.21 -32.55
N SER A 98 3.93 -2.80 -32.12
CA SER A 98 3.89 -4.13 -31.54
C SER A 98 3.07 -4.15 -30.25
N VAL A 99 3.24 -3.14 -29.39
CA VAL A 99 2.45 -3.09 -28.15
C VAL A 99 0.96 -3.00 -28.46
N GLU A 100 0.57 -2.12 -29.39
CA GLU A 100 -0.84 -2.01 -29.75
C GLU A 100 -1.38 -3.33 -30.29
N GLU A 101 -0.64 -3.98 -31.19
CA GLU A 101 -1.10 -5.25 -31.75
C GLU A 101 -1.23 -6.32 -30.68
N THR A 102 -0.29 -6.36 -29.74
CA THR A 102 -0.32 -7.39 -28.69
C THR A 102 -1.54 -7.21 -27.78
N ILE A 103 -1.82 -5.97 -27.38
CA ILE A 103 -2.92 -5.73 -26.46
C ILE A 103 -4.25 -5.98 -27.16
N SER A 104 -4.34 -5.59 -28.44
CA SER A 104 -5.55 -5.86 -29.21
C SER A 104 -5.79 -7.36 -29.35
N GLN A 105 -4.74 -8.14 -29.58
CA GLN A 105 -4.92 -9.58 -29.70
C GLN A 105 -5.31 -10.20 -28.37
N GLN A 106 -4.77 -9.70 -27.26
CA GLN A 106 -5.15 -10.24 -25.96
C GLN A 106 -6.62 -9.97 -25.68
N GLU A 107 -7.13 -8.79 -26.04
CA GLU A 107 -8.55 -8.51 -25.86
C GLU A 107 -9.40 -9.49 -26.64
N LYS A 108 -9.01 -9.79 -27.89
CA LYS A 108 -9.71 -10.81 -28.67
C LYS A 108 -9.62 -12.17 -28.02
N ASP A 109 -8.42 -12.55 -27.55
CA ASP A 109 -8.19 -13.92 -27.08
C ASP A 109 -8.91 -14.18 -25.77
N PHE A 110 -8.91 -13.19 -24.87
CA PHE A 110 -9.46 -13.35 -23.55
C PHE A 110 -10.81 -12.69 -23.38
N GLY A 111 -11.24 -11.86 -24.34
CA GLY A 111 -12.54 -11.20 -24.25
C GLY A 111 -12.45 -9.77 -23.74
N THR A 112 -11.61 -9.57 -22.73
CA THR A 112 -11.40 -8.27 -22.11
C THR A 112 -10.08 -8.34 -21.36
N ILE A 113 -9.65 -7.20 -20.82
CA ILE A 113 -8.58 -7.14 -19.82
C ILE A 113 -9.07 -6.29 -18.66
N ASP A 114 -9.02 -6.85 -17.44
CA ASP A 114 -9.45 -6.17 -16.23
C ASP A 114 -8.30 -5.56 -15.45
N VAL A 115 -7.13 -6.19 -15.46
CA VAL A 115 -5.97 -5.80 -14.68
C VAL A 115 -4.77 -5.78 -15.61
N PHE A 116 -4.02 -4.69 -15.62
CA PHE A 116 -2.81 -4.58 -16.43
C PHE A 116 -1.64 -4.21 -15.55
N VAL A 117 -0.52 -4.91 -15.71
CA VAL A 117 0.72 -4.58 -14.98
C VAL A 117 1.79 -4.26 -16.01
N ALA A 118 2.23 -2.99 -16.04
CA ALA A 118 3.32 -2.54 -16.88
C ALA A 118 4.60 -2.68 -16.08
N ASN A 119 5.26 -3.82 -16.25
CA ASN A 119 6.34 -4.24 -15.38
C ASN A 119 7.68 -4.44 -16.09
N ALA A 120 7.70 -4.73 -17.39
CA ALA A 120 8.97 -4.93 -18.09
C ALA A 120 9.93 -3.74 -17.91
N GLY A 121 11.22 -4.00 -17.77
CA GLY A 121 12.21 -2.93 -17.63
C GLY A 121 13.62 -3.46 -17.66
N VAL A 122 14.58 -2.54 -17.89
CA VAL A 122 16.01 -2.88 -17.90
C VAL A 122 16.77 -1.88 -17.04
N THR A 123 17.93 -2.31 -16.54
CA THR A 123 18.74 -1.40 -15.73
C THR A 123 19.70 -0.58 -16.58
N TRP A 124 20.22 0.48 -15.97
CA TRP A 124 21.43 1.15 -16.40
C TRP A 124 22.60 0.56 -15.64
N THR A 125 23.66 0.16 -16.38
CA THR A 125 24.79 -0.51 -15.74
C THR A 125 26.13 0.16 -16.03
N GLN A 126 26.14 1.38 -16.56
CA GLN A 126 27.36 1.94 -17.13
C GLN A 126 28.02 3.00 -16.25
N GLY A 127 27.60 3.16 -15.01
CA GLY A 127 28.24 4.10 -14.12
C GLY A 127 27.85 5.53 -14.42
N PRO A 128 28.67 6.49 -13.98
CA PRO A 128 28.27 7.89 -14.10
C PRO A 128 28.13 8.33 -15.55
N GLU A 129 27.01 9.00 -15.82
CA GLU A 129 26.70 9.47 -17.17
C GLU A 129 27.74 10.37 -17.81
N ILE A 130 28.56 11.07 -17.03
CA ILE A 130 29.48 12.04 -17.63
C ILE A 130 30.45 11.35 -18.59
N ASP A 131 30.72 10.07 -18.36
CA ASP A 131 31.67 9.33 -19.18
C ASP A 131 31.00 8.53 -20.30
N VAL A 132 29.70 8.64 -20.46
CA VAL A 132 28.98 7.91 -21.51
C VAL A 132 28.55 8.93 -22.55
N ASP A 133 29.29 9.02 -23.66
CA ASP A 133 29.05 10.07 -24.65
C ASP A 133 28.15 9.61 -25.80
N ASN A 134 27.94 8.32 -25.95
CA ASN A 134 27.01 7.78 -26.93
C ASN A 134 25.62 7.78 -26.30
N TYR A 135 24.69 8.56 -26.87
CA TYR A 135 23.36 8.67 -26.27
C TYR A 135 22.50 7.41 -26.48
N ASP A 136 23.03 6.38 -27.13
CA ASP A 136 22.28 5.13 -27.28
C ASP A 136 21.86 4.57 -25.93
N SER A 137 22.71 4.69 -24.92
CA SER A 137 22.39 4.12 -23.62
C SER A 137 21.24 4.87 -22.96
N TRP A 138 21.29 6.21 -22.94
CA TRP A 138 20.17 7.02 -22.48
C TRP A 138 18.89 6.68 -23.24
N ASN A 139 18.98 6.59 -24.58
CA ASN A 139 17.78 6.35 -25.39
C ASN A 139 17.16 5.00 -25.05
N LYS A 140 17.99 4.00 -24.81
CA LYS A 140 17.50 2.68 -24.45
C LYS A 140 16.71 2.70 -23.15
N ILE A 141 17.28 3.31 -22.11
CA ILE A 141 16.58 3.41 -20.83
C ILE A 141 15.24 4.13 -21.00
N ILE A 142 15.27 5.31 -21.64
CA ILE A 142 14.03 6.06 -21.80
C ILE A 142 13.03 5.27 -22.63
N SER A 143 13.50 4.60 -23.69
CA SER A 143 12.60 3.87 -24.58
C SER A 143 11.92 2.71 -23.88
N VAL A 144 12.68 1.85 -23.19
CA VAL A 144 12.07 0.68 -22.57
C VAL A 144 11.34 1.07 -21.29
N ASP A 145 11.97 1.89 -20.45
CA ASP A 145 11.51 2.09 -19.07
C ASP A 145 10.50 3.22 -18.93
N LEU A 146 10.39 4.12 -19.91
CA LEU A 146 9.37 5.16 -19.90
C LEU A 146 8.44 5.05 -21.11
N ASN A 147 8.95 5.16 -22.34
CA ASN A 147 8.07 5.10 -23.50
C ASN A 147 7.28 3.80 -23.53
N GLY A 148 7.94 2.68 -23.24
CA GLY A 148 7.25 1.39 -23.27
C GLY A 148 6.12 1.33 -22.27
N VAL A 149 6.32 1.91 -21.09
CA VAL A 149 5.25 1.98 -20.11
C VAL A 149 4.10 2.82 -20.64
N TYR A 150 4.42 3.94 -21.30
CA TYR A 150 3.36 4.79 -21.84
C TYR A 150 2.61 4.12 -23.00
N TYR A 151 3.32 3.41 -23.89
CA TYR A 151 2.63 2.70 -24.96
C TYR A 151 1.64 1.68 -24.41
N CYS A 152 2.04 0.93 -23.38
CA CYS A 152 1.10 0.02 -22.73
C CYS A 152 -0.07 0.79 -22.15
N SER A 153 0.24 1.88 -21.44
CA SER A 153 -0.80 2.63 -20.74
C SER A 153 -1.81 3.22 -21.72
N HIS A 154 -1.31 3.89 -22.77
CA HIS A 154 -2.20 4.52 -23.75
C HIS A 154 -3.16 3.50 -24.36
N ASN A 155 -2.67 2.29 -24.64
CA ASN A 155 -3.53 1.29 -25.27
C ASN A 155 -4.53 0.69 -24.29
N ILE A 156 -4.09 0.35 -23.07
CA ILE A 156 -5.01 -0.31 -22.15
C ILE A 156 -6.08 0.66 -21.65
N GLY A 157 -5.77 1.96 -21.55
CA GLY A 157 -6.78 2.92 -21.14
C GLY A 157 -8.01 2.90 -22.04
N LYS A 158 -7.80 2.70 -23.34
CA LYS A 158 -8.91 2.67 -24.30
C LYS A 158 -9.83 1.48 -24.03
N ILE A 159 -9.26 0.33 -23.67
CA ILE A 159 -10.08 -0.82 -23.31
C ILE A 159 -10.82 -0.55 -22.00
N PHE A 160 -10.11 -0.03 -21.01
CA PHE A 160 -10.75 0.25 -19.72
C PHE A 160 -11.91 1.24 -19.89
N LYS A 161 -11.71 2.26 -20.73
CA LYS A 161 -12.76 3.24 -20.94
C LYS A 161 -13.97 2.62 -21.65
N LYS A 162 -13.71 1.75 -22.63
CA LYS A 162 -14.83 1.09 -23.32
C LYS A 162 -15.67 0.26 -22.35
N ASN A 163 -15.03 -0.41 -21.39
CA ASN A 163 -15.71 -1.31 -20.46
C ASN A 163 -16.12 -0.64 -19.16
N GLY A 164 -15.62 0.57 -18.90
CA GLY A 164 -15.96 1.26 -17.68
C GLY A 164 -15.33 0.71 -16.42
N LYS A 165 -14.24 -0.03 -16.54
CA LYS A 165 -13.58 -0.60 -15.37
C LYS A 165 -12.15 -0.99 -15.71
N GLY A 166 -11.30 -1.02 -14.69
CA GLY A 166 -9.94 -1.47 -14.87
C GLY A 166 -9.04 -1.04 -13.74
N SER A 167 -7.92 -1.77 -13.59
CA SER A 167 -6.86 -1.42 -12.66
C SER A 167 -5.52 -1.57 -13.38
N LEU A 168 -4.78 -0.46 -13.48
CA LEU A 168 -3.44 -0.42 -14.04
C LEU A 168 -2.44 -0.24 -12.90
N ILE A 169 -1.44 -1.13 -12.86
CA ILE A 169 -0.30 -1.06 -11.93
C ILE A 169 0.96 -0.92 -12.77
N ILE A 170 1.78 0.07 -12.44
CA ILE A 170 3.07 0.25 -13.07
C ILE A 170 4.13 -0.12 -12.05
N THR A 171 5.07 -0.99 -12.44
CA THR A 171 6.23 -1.27 -11.58
C THR A 171 7.22 -0.13 -11.72
N SER A 172 7.33 0.71 -10.70
CA SER A 172 8.34 1.76 -10.67
C SER A 172 9.54 1.24 -9.87
N SER A 173 10.02 1.93 -8.85
CA SER A 173 11.20 1.56 -8.08
C SER A 173 11.37 2.62 -7.03
N ILE A 174 12.09 2.27 -5.94
CA ILE A 174 12.58 3.29 -5.02
C ILE A 174 13.45 4.28 -5.76
N SER A 175 14.02 3.89 -6.90
CA SER A 175 14.81 4.80 -7.73
C SER A 175 14.00 5.98 -8.22
N GLY A 176 12.66 5.88 -8.23
CA GLY A 176 11.84 7.03 -8.58
C GLY A 176 11.71 8.06 -7.49
N LYS A 177 12.13 7.71 -6.26
CA LYS A 177 12.04 8.61 -5.10
C LYS A 177 13.40 8.98 -4.53
N ILE A 178 14.40 8.10 -4.63
CA ILE A 178 15.73 8.37 -4.11
C ILE A 178 16.76 8.15 -5.21
N VAL A 179 18.02 8.43 -4.86
CA VAL A 179 19.16 8.32 -5.76
C VAL A 179 20.02 7.16 -5.27
N ASN A 180 20.04 6.06 -6.02
CA ASN A 180 20.78 4.90 -5.59
C ASN A 180 22.27 5.19 -5.47
N ILE A 181 22.87 4.57 -4.44
CA ILE A 181 24.31 4.59 -4.20
C ILE A 181 24.75 3.20 -3.76
N PRO A 182 26.01 2.83 -4.07
CA PRO A 182 27.06 3.58 -4.77
C PRO A 182 27.02 3.41 -6.30
N GLN A 183 26.12 2.60 -6.84
CA GLN A 183 26.01 2.49 -8.30
C GLN A 183 25.27 3.71 -8.83
N LEU A 184 25.92 4.45 -9.72
CA LEU A 184 25.40 5.71 -10.25
C LEU A 184 24.63 5.47 -11.53
N GLN A 185 23.34 5.81 -11.52
CA GLN A 185 22.41 5.40 -12.57
C GLN A 185 21.33 6.46 -12.79
N ALA A 186 21.76 7.71 -12.95
CA ALA A 186 20.83 8.81 -13.19
C ALA A 186 19.76 8.53 -14.25
N PRO A 187 20.08 7.92 -15.41
CA PRO A 187 19.02 7.75 -16.42
C PRO A 187 17.92 6.81 -15.97
N TYR A 188 18.26 5.75 -15.24
CA TYR A 188 17.24 4.84 -14.75
C TYR A 188 16.39 5.51 -13.67
N ASN A 189 17.02 6.23 -12.74
CA ASN A 189 16.27 6.95 -11.71
C ASN A 189 15.29 7.93 -12.36
N THR A 190 15.75 8.63 -13.40
CA THR A 190 14.92 9.60 -14.12
C THR A 190 13.70 8.93 -14.72
N ALA A 191 13.90 7.80 -15.41
CA ALA A 191 12.80 7.06 -16.01
C ALA A 191 11.79 6.61 -14.96
N LYS A 192 12.28 6.13 -13.81
CA LYS A 192 11.35 5.63 -12.79
C LYS A 192 10.58 6.76 -12.12
N ALA A 193 11.21 7.91 -11.85
CA ALA A 193 10.47 9.07 -11.35
C ALA A 193 9.38 9.48 -12.33
N ALA A 194 9.69 9.44 -13.64
CA ALA A 194 8.67 9.72 -14.65
C ALA A 194 7.50 8.74 -14.55
N CYS A 195 7.79 7.43 -14.36
CA CYS A 195 6.74 6.42 -14.28
C CYS A 195 5.83 6.67 -13.09
N THR A 196 6.42 7.01 -11.95
CA THR A 196 5.62 7.24 -10.75
C THR A 196 4.66 8.39 -10.98
N HIS A 197 5.11 9.45 -11.65
CA HIS A 197 4.21 10.58 -11.73
C HIS A 197 3.32 10.50 -12.97
N LEU A 198 3.71 9.70 -13.98
CA LEU A 198 2.78 9.31 -15.03
C LEU A 198 1.58 8.60 -14.44
N ALA A 199 1.81 7.68 -13.51
CA ALA A 199 0.71 6.96 -12.87
C ALA A 199 -0.24 7.91 -12.16
N LYS A 200 0.28 8.84 -11.35
CA LYS A 200 -0.58 9.79 -10.66
C LYS A 200 -1.37 10.64 -11.65
N SER A 201 -0.73 11.04 -12.75
CA SER A 201 -1.42 11.86 -13.75
C SER A 201 -2.54 11.08 -14.44
N LEU A 202 -2.29 9.81 -14.77
CA LEU A 202 -3.35 9.03 -15.40
C LEU A 202 -4.46 8.72 -14.41
N ALA A 203 -4.15 8.62 -13.10
CA ALA A 203 -5.22 8.40 -12.12
C ALA A 203 -6.31 9.47 -12.21
N ILE A 204 -5.93 10.74 -12.41
CA ILE A 204 -6.93 11.78 -12.64
C ILE A 204 -7.63 11.63 -13.97
N GLU A 205 -6.89 11.39 -15.06
CA GLU A 205 -7.50 11.37 -16.38
C GLU A 205 -8.45 10.19 -16.55
N TRP A 206 -8.13 9.05 -15.93
CA TRP A 206 -8.91 7.83 -16.11
C TRP A 206 -9.93 7.58 -15.01
N ALA A 207 -10.05 8.49 -14.03
CA ALA A 207 -10.88 8.26 -12.86
C ALA A 207 -12.32 7.84 -13.15
N PRO A 208 -12.97 8.27 -14.26
CA PRO A 208 -14.34 7.78 -14.49
C PRO A 208 -14.42 6.31 -14.76
N PHE A 209 -13.31 5.66 -15.14
CA PHE A 209 -13.38 4.28 -15.58
C PHE A 209 -12.25 3.38 -15.08
N ALA A 210 -11.25 3.88 -14.36
CA ALA A 210 -10.19 2.96 -13.93
C ALA A 210 -9.37 3.58 -12.81
N ARG A 211 -8.65 2.72 -12.09
CA ARG A 211 -7.66 3.13 -11.10
C ARG A 211 -6.24 2.92 -11.65
N VAL A 212 -5.31 3.78 -11.23
CA VAL A 212 -3.90 3.68 -11.65
C VAL A 212 -3.01 3.89 -10.43
N ASN A 213 -2.07 2.97 -10.21
CA ASN A 213 -1.18 2.99 -9.04
C ASN A 213 0.19 2.44 -9.45
N THR A 214 1.20 2.69 -8.59
CA THR A 214 2.51 2.06 -8.76
C THR A 214 2.82 1.15 -7.59
N ILE A 215 3.60 0.09 -7.86
CA ILE A 215 4.39 -0.61 -6.84
C ILE A 215 5.84 -0.14 -7.02
N SER A 216 6.48 0.29 -5.93
CA SER A 216 7.89 0.69 -5.98
C SER A 216 8.71 -0.27 -5.12
N PRO A 217 9.29 -1.30 -5.73
CA PRO A 217 10.12 -2.21 -4.95
C PRO A 217 11.46 -1.58 -4.61
N GLY A 218 11.99 -1.97 -3.45
CA GLY A 218 13.39 -1.81 -3.15
C GLY A 218 14.21 -2.89 -3.81
N TYR A 219 15.33 -3.25 -3.17
CA TYR A 219 16.23 -4.25 -3.75
C TYR A 219 15.63 -5.65 -3.58
N ILE A 220 15.32 -6.31 -4.70
CA ILE A 220 14.68 -7.63 -4.73
C ILE A 220 15.65 -8.59 -5.40
N ASP A 221 15.73 -9.82 -4.91
CA ASP A 221 16.70 -10.77 -5.46
C ASP A 221 16.16 -11.33 -6.78
N THR A 222 16.57 -10.69 -7.87
CA THR A 222 16.32 -11.14 -9.24
C THR A 222 17.62 -11.00 -10.02
N ASP A 223 17.60 -11.38 -11.30
CA ASP A 223 18.83 -11.27 -12.08
C ASP A 223 19.15 -9.83 -12.44
N ILE A 224 18.26 -8.89 -12.18
CA ILE A 224 18.43 -7.56 -12.74
C ILE A 224 19.60 -6.86 -12.05
N THR A 225 19.94 -7.26 -10.83
CA THR A 225 21.05 -6.67 -10.09
C THR A 225 22.30 -7.53 -10.11
N ASP A 226 22.37 -8.50 -11.03
CA ASP A 226 23.53 -9.38 -11.10
C ASP A 226 24.81 -8.65 -11.51
N PHE A 227 24.70 -7.40 -11.96
CA PHE A 227 25.88 -6.57 -12.19
C PHE A 227 26.57 -6.14 -10.90
N ALA A 228 25.90 -6.28 -9.76
CA ALA A 228 26.42 -5.73 -8.51
C ALA A 228 27.45 -6.64 -7.90
N SER A 229 28.54 -6.06 -7.40
CA SER A 229 29.53 -6.83 -6.68
C SER A 229 29.05 -7.09 -5.26
N LYS A 230 29.84 -7.87 -4.54
CA LYS A 230 29.34 -8.30 -3.24
C LYS A 230 29.56 -7.22 -2.20
N ASP A 231 30.54 -6.35 -2.44
CA ASP A 231 30.74 -5.16 -1.62
C ASP A 231 29.67 -4.11 -1.88
N MET A 232 29.18 -4.04 -3.12
CA MET A 232 28.06 -3.17 -3.46
C MET A 232 26.79 -3.61 -2.74
N LYS A 233 26.45 -4.90 -2.82
CA LYS A 233 25.26 -5.41 -2.15
C LYS A 233 25.37 -5.23 -0.65
N ALA A 234 26.57 -5.39 -0.08
CA ALA A 234 26.75 -5.24 1.35
C ALA A 234 26.38 -3.82 1.80
N LYS A 235 26.71 -2.81 0.98
CA LYS A 235 26.34 -1.45 1.34
C LYS A 235 24.83 -1.25 1.25
N TRP A 236 24.17 -1.84 0.25
CA TRP A 236 22.70 -1.82 0.23
C TRP A 236 22.13 -2.37 1.52
N TRP A 237 22.63 -3.53 1.97
CA TRP A 237 22.13 -4.13 3.20
C TRP A 237 22.33 -3.19 4.39
N GLN A 238 23.51 -2.54 4.46
CA GLN A 238 23.81 -1.66 5.58
C GLN A 238 22.84 -0.48 5.65
N LEU A 239 22.30 -0.07 4.51
CA LEU A 239 21.41 1.09 4.43
C LEU A 239 19.93 0.70 4.44
N THR A 240 19.60 -0.60 4.47
CA THR A 240 18.21 -1.05 4.49
C THR A 240 17.77 -1.34 5.92
N PRO A 241 16.76 -0.65 6.46
CA PRO A 241 16.35 -0.92 7.87
C PRO A 241 16.09 -2.39 8.21
N LEU A 242 15.52 -3.18 7.31
CA LEU A 242 15.32 -4.60 7.64
C LEU A 242 16.59 -5.44 7.48
N GLY A 243 17.60 -4.92 6.79
CA GLY A 243 18.91 -5.54 6.79
C GLY A 243 19.19 -6.54 5.69
N ARG A 244 18.42 -6.54 4.60
CA ARG A 244 18.53 -7.57 3.57
C ARG A 244 17.81 -7.09 2.31
N GLU A 245 18.02 -7.84 1.22
CA GLU A 245 17.17 -7.75 0.04
C GLU A 245 15.85 -8.48 0.28
N GLY A 246 14.84 -8.10 -0.50
CA GLY A 246 13.56 -8.78 -0.46
C GLY A 246 13.49 -9.89 -1.49
N LEU A 247 12.47 -10.73 -1.32
CA LEU A 247 12.18 -11.77 -2.28
C LEU A 247 10.97 -11.37 -3.13
N THR A 248 10.89 -11.95 -4.34
CA THR A 248 9.73 -11.66 -5.19
C THR A 248 8.43 -12.05 -4.50
N GLN A 249 8.43 -13.11 -3.67
CA GLN A 249 7.18 -13.52 -3.04
C GLN A 249 6.72 -12.52 -1.98
N GLU A 250 7.58 -11.57 -1.57
CA GLU A 250 7.18 -10.49 -0.68
C GLU A 250 6.59 -9.30 -1.42
N LEU A 251 6.48 -9.36 -2.74
CA LEU A 251 5.81 -8.31 -3.50
C LEU A 251 4.40 -8.67 -3.87
N VAL A 252 4.08 -9.97 -3.95
CA VAL A 252 2.85 -10.37 -4.62
C VAL A 252 1.62 -9.94 -3.84
N GLY A 253 1.72 -9.85 -2.50
CA GLY A 253 0.60 -9.30 -1.74
C GLY A 253 0.21 -7.90 -2.17
N GLY A 254 1.20 -7.04 -2.42
CA GLY A 254 0.88 -5.67 -2.82
C GLY A 254 0.30 -5.59 -4.22
N TYR A 255 0.82 -6.39 -5.15
CA TYR A 255 0.27 -6.44 -6.51
C TYR A 255 -1.17 -6.95 -6.50
N LEU A 256 -1.49 -7.91 -5.61
CA LEU A 256 -2.86 -8.40 -5.55
C LEU A 256 -3.77 -7.39 -4.87
N TYR A 257 -3.28 -6.72 -3.83
CA TYR A 257 -4.01 -5.62 -3.21
C TYR A 257 -4.49 -4.63 -4.26
N LEU A 258 -3.56 -4.12 -5.09
CA LEU A 258 -3.91 -3.09 -6.07
C LEU A 258 -4.75 -3.61 -7.22
N ALA A 259 -4.60 -4.89 -7.58
CA ALA A 259 -5.30 -5.43 -8.74
C ALA A 259 -6.77 -5.69 -8.45
N SER A 260 -7.11 -5.96 -7.20
CA SER A 260 -8.40 -6.52 -6.81
C SER A 260 -9.33 -5.45 -6.22
N ASN A 261 -10.53 -5.88 -5.85
CA ASN A 261 -11.51 -5.04 -5.17
C ASN A 261 -11.12 -4.73 -3.70
N ALA A 262 -9.94 -5.14 -3.25
CA ALA A 262 -9.46 -4.70 -1.95
C ALA A 262 -9.07 -3.24 -1.93
N SER A 263 -8.96 -2.59 -3.09
CA SER A 263 -8.37 -1.26 -3.19
C SER A 263 -9.21 -0.31 -4.06
N THR A 264 -10.55 -0.39 -3.96
CA THR A 264 -11.39 0.36 -4.89
C THR A 264 -11.41 1.87 -4.63
N PHE A 265 -10.87 2.35 -3.51
CA PHE A 265 -10.68 3.78 -3.26
C PHE A 265 -9.22 4.17 -3.37
N THR A 266 -8.35 3.28 -3.84
CA THR A 266 -6.93 3.54 -3.93
C THR A 266 -6.57 3.84 -5.37
N THR A 267 -6.19 5.09 -5.65
CA THR A 267 -5.73 5.48 -6.97
C THR A 267 -4.72 6.60 -6.83
N GLY A 268 -3.76 6.63 -7.76
CA GLY A 268 -2.71 7.62 -7.70
C GLY A 268 -1.74 7.41 -6.56
N SER A 269 -1.73 6.22 -5.97
CA SER A 269 -0.85 5.95 -4.85
C SER A 269 0.39 5.18 -5.31
N ASP A 270 1.43 5.27 -4.49
CA ASP A 270 2.73 4.63 -4.74
C ASP A 270 2.99 3.71 -3.54
N VAL A 271 2.81 2.41 -3.76
CA VAL A 271 2.95 1.42 -2.69
C VAL A 271 4.40 0.96 -2.64
N VAL A 272 5.13 1.40 -1.60
CA VAL A 272 6.57 1.17 -1.50
C VAL A 272 6.82 -0.10 -0.69
N ILE A 273 7.62 -1.01 -1.25
CA ILE A 273 7.92 -2.31 -0.64
C ILE A 273 9.43 -2.48 -0.71
N ASP A 274 10.15 -1.97 0.34
CA ASP A 274 11.59 -1.72 0.21
C ASP A 274 12.36 -2.01 1.50
N GLY A 275 11.77 -2.72 2.46
CA GLY A 275 12.46 -2.96 3.72
C GLY A 275 12.83 -1.72 4.47
N GLY A 276 12.18 -0.59 4.18
CA GLY A 276 12.47 0.68 4.84
C GLY A 276 13.49 1.56 4.15
N TYR A 277 14.00 1.16 2.98
CA TYR A 277 15.17 1.83 2.37
C TYR A 277 14.99 3.34 2.21
N THR A 278 13.80 3.77 1.80
CA THR A 278 13.56 5.18 1.54
C THR A 278 13.39 6.02 2.81
N CYS A 279 13.41 5.42 4.00
CA CYS A 279 13.20 6.17 5.25
C CYS A 279 14.43 6.89 5.79
N PRO A 280 15.61 6.25 5.90
CA PRO A 280 16.71 6.93 6.62
C PRO A 280 17.12 8.36 6.20
N SER B 1 33.18 -7.15 16.26
CA SER B 1 32.83 -6.56 14.98
C SER B 1 34.01 -6.55 14.01
N MET B 2 34.64 -7.71 13.82
CA MET B 2 35.51 -7.97 12.69
C MET B 2 34.95 -9.18 11.95
N GLY B 3 34.95 -9.10 10.62
CA GLY B 3 34.35 -10.17 9.85
C GLY B 3 32.84 -10.22 9.92
N GLU B 4 32.21 -9.14 10.34
CA GLU B 4 30.76 -9.02 10.24
C GLU B 4 30.42 -7.75 9.50
N ILE B 5 29.44 -7.85 8.60
CA ILE B 5 28.81 -6.66 8.04
C ILE B 5 27.85 -6.10 9.10
N GLU B 6 28.24 -4.96 9.69
CA GLU B 6 27.38 -4.15 10.55
C GLU B 6 26.45 -3.16 9.83
N SER B 7 25.23 -3.09 10.34
CA SER B 7 24.23 -2.17 9.84
C SER B 7 24.59 -0.72 10.18
N TYR B 8 24.37 0.18 9.22
CA TYR B 8 24.39 1.61 9.51
C TYR B 8 23.09 2.09 10.15
N CYS B 9 22.02 1.31 10.03
CA CYS B 9 20.71 1.67 10.57
C CYS B 9 20.54 1.27 12.04
N ASN B 10 20.86 0.03 12.41
CA ASN B 10 20.52 -0.48 13.74
C ASN B 10 21.38 -1.72 14.01
N LYS B 11 22.37 -1.59 14.88
CA LYS B 11 23.32 -2.65 14.81
C LYS B 11 22.73 -3.88 15.54
N GLU B 12 21.54 -3.72 16.19
CA GLU B 12 20.78 -4.79 16.86
C GLU B 12 20.21 -5.79 15.87
N LEU B 13 20.30 -5.49 14.57
CA LEU B 13 19.99 -6.49 13.55
C LEU B 13 20.98 -7.65 13.56
N GLY B 14 22.18 -7.45 14.10
CA GLY B 14 23.21 -8.47 14.04
C GLY B 14 23.94 -8.46 12.71
N PRO B 15 24.82 -9.42 12.50
CA PRO B 15 25.57 -9.47 11.24
C PRO B 15 24.65 -9.57 10.03
N LEU B 16 24.98 -8.83 8.99
CA LEU B 16 24.12 -8.78 7.82
C LEU B 16 24.58 -9.77 6.76
N PRO B 17 23.69 -10.17 5.83
CA PRO B 17 22.26 -9.82 5.78
C PRO B 17 21.41 -10.61 6.77
N THR B 18 20.33 -10.00 7.24
CA THR B 18 19.28 -10.76 7.92
C THR B 18 18.63 -11.71 6.93
N LYS B 19 17.79 -12.60 7.44
CA LYS B 19 17.21 -13.68 6.64
C LYS B 19 15.70 -13.51 6.52
N ALA B 20 15.17 -13.88 5.35
CA ALA B 20 13.75 -13.78 5.01
C ALA B 20 12.93 -14.88 5.69
N PRO B 21 11.64 -14.65 5.96
CA PRO B 21 10.78 -15.70 6.52
C PRO B 21 10.27 -16.66 5.45
N THR B 22 9.97 -17.89 5.89
CA THR B 22 9.18 -18.78 5.03
C THR B 22 7.78 -18.22 4.87
N LEU B 23 7.20 -18.40 3.69
CA LEU B 23 5.90 -17.84 3.35
C LEU B 23 5.08 -18.91 2.66
N SER B 24 3.77 -18.85 2.85
CA SER B 24 2.89 -19.70 2.09
C SER B 24 3.11 -19.54 0.61
N LYS B 25 3.03 -20.69 -0.06
CA LYS B 25 3.10 -20.66 -1.54
C LYS B 25 1.83 -20.12 -2.18
N ASN B 26 0.71 -20.03 -1.47
CA ASN B 26 -0.51 -19.46 -2.08
C ASN B 26 -0.71 -18.03 -1.57
N VAL B 27 -0.84 -17.08 -2.51
CA VAL B 27 -0.90 -15.66 -2.15
C VAL B 27 -2.04 -15.38 -1.19
N LEU B 28 -3.17 -16.06 -1.36
CA LEU B 28 -4.32 -15.79 -0.52
C LEU B 28 -4.05 -16.15 0.95
N ASP B 29 -3.25 -17.18 1.18
CA ASP B 29 -2.93 -17.58 2.54
C ASP B 29 -2.02 -16.57 3.24
N LEU B 30 -1.31 -15.74 2.49
CA LEU B 30 -0.49 -14.69 3.11
C LEU B 30 -1.32 -13.73 3.96
N PHE B 31 -2.60 -13.53 3.61
CA PHE B 31 -3.46 -12.56 4.27
C PHE B 31 -4.16 -13.11 5.50
N SER B 32 -3.94 -14.38 5.84
CA SER B 32 -4.62 -14.99 6.98
C SER B 32 -4.09 -14.47 8.31
N LEU B 33 -5.00 -14.22 9.24
CA LEU B 33 -4.59 -13.94 10.62
C LEU B 33 -4.95 -15.08 11.57
N LYS B 34 -5.21 -16.28 11.05
CA LYS B 34 -5.42 -17.43 11.92
C LYS B 34 -4.24 -17.63 12.85
N GLY B 35 -4.53 -17.86 14.13
CA GLY B 35 -3.49 -18.02 15.11
C GLY B 35 -2.94 -16.73 15.69
N LYS B 36 -3.45 -15.57 15.28
CA LYS B 36 -2.87 -14.29 15.68
C LYS B 36 -3.87 -13.49 16.52
N VAL B 37 -3.34 -12.55 17.32
CA VAL B 37 -4.13 -11.64 18.14
C VAL B 37 -3.93 -10.23 17.63
N ALA B 38 -5.02 -9.51 17.39
CA ALA B 38 -4.95 -8.10 17.00
C ALA B 38 -5.58 -7.21 18.08
N SER B 39 -5.00 -6.02 18.28
CA SER B 39 -5.53 -5.06 19.22
C SER B 39 -5.71 -3.74 18.47
N VAL B 40 -6.93 -3.20 18.47
CA VAL B 40 -7.31 -2.08 17.59
C VAL B 40 -7.89 -0.96 18.45
N THR B 41 -7.15 0.14 18.61
CA THR B 41 -7.71 1.22 19.42
C THR B 41 -8.78 1.97 18.61
N GLY B 42 -9.68 2.65 19.32
CA GLY B 42 -10.74 3.38 18.64
C GLY B 42 -11.68 2.50 17.85
N SER B 43 -11.96 1.30 18.33
CA SER B 43 -12.79 0.35 17.60
C SER B 43 -14.23 0.28 18.11
N SER B 44 -14.63 1.25 18.93
CA SER B 44 -16.04 1.63 19.02
C SER B 44 -16.45 2.57 17.90
N GLY B 45 -15.49 3.18 17.19
CA GLY B 45 -15.78 4.15 16.16
C GLY B 45 -15.73 3.53 14.77
N GLY B 46 -15.89 4.38 13.76
CA GLY B 46 -16.12 3.93 12.40
C GLY B 46 -15.04 3.07 11.76
N ILE B 47 -13.87 3.66 11.53
CA ILE B 47 -12.79 2.89 10.90
C ILE B 47 -12.34 1.75 11.80
N GLY B 48 -12.20 2.01 13.11
CA GLY B 48 -11.68 0.99 14.01
C GLY B 48 -12.56 -0.25 14.06
N TRP B 49 -13.88 -0.05 14.11
CA TRP B 49 -14.78 -1.20 14.10
C TRP B 49 -14.67 -1.99 12.79
N ALA B 50 -14.59 -1.29 11.65
CA ALA B 50 -14.46 -1.98 10.37
C ALA B 50 -13.19 -2.80 10.32
N VAL B 51 -12.10 -2.24 10.84
CA VAL B 51 -10.83 -2.97 10.86
C VAL B 51 -10.92 -4.16 11.80
N ALA B 52 -11.49 -3.96 13.01
CA ALA B 52 -11.64 -5.07 13.94
C ALA B 52 -12.43 -6.22 13.33
N GLU B 53 -13.58 -5.91 12.69
CA GLU B 53 -14.37 -6.98 12.09
C GLU B 53 -13.63 -7.66 10.96
N ALA B 54 -12.93 -6.89 10.12
CA ALA B 54 -12.14 -7.51 9.05
C ALA B 54 -11.08 -8.45 9.61
N TYR B 55 -10.40 -8.04 10.68
CA TYR B 55 -9.38 -8.91 11.26
C TYR B 55 -10.00 -10.20 11.81
N ALA B 56 -11.22 -10.12 12.38
CA ALA B 56 -11.87 -11.35 12.83
C ALA B 56 -12.26 -12.24 11.67
N GLN B 57 -12.72 -11.63 10.56
CA GLN B 57 -13.01 -12.39 9.35
C GLN B 57 -11.79 -13.13 8.83
N ALA B 58 -10.60 -12.54 9.00
CA ALA B 58 -9.35 -13.18 8.59
C ALA B 58 -8.81 -14.15 9.63
N GLY B 59 -9.51 -14.33 10.76
CA GLY B 59 -9.21 -15.38 11.72
C GLY B 59 -8.58 -14.95 13.03
N ALA B 60 -8.40 -13.65 13.26
CA ALA B 60 -7.70 -13.17 14.43
C ALA B 60 -8.63 -13.07 15.63
N ASP B 61 -8.09 -13.37 16.82
CA ASP B 61 -8.66 -12.84 18.06
C ASP B 61 -8.48 -11.33 18.10
N VAL B 62 -9.46 -10.60 18.66
CA VAL B 62 -9.46 -9.14 18.56
C VAL B 62 -9.76 -8.48 19.91
N ALA B 63 -8.85 -7.63 20.37
CA ALA B 63 -9.11 -6.75 21.51
C ALA B 63 -9.65 -5.41 21.01
N ILE B 64 -10.85 -5.05 21.48
CA ILE B 64 -11.56 -3.83 21.12
C ILE B 64 -11.32 -2.77 22.19
N TRP B 65 -11.20 -1.50 21.78
CA TRP B 65 -11.00 -0.38 22.68
C TRP B 65 -12.09 0.66 22.50
N TYR B 66 -12.53 1.25 23.61
CA TYR B 66 -13.50 2.34 23.57
C TYR B 66 -13.18 3.32 24.70
N ASN B 67 -13.85 4.47 24.66
CA ASN B 67 -13.70 5.46 25.71
C ASN B 67 -15.07 5.89 26.21
N SER B 68 -15.81 6.66 25.41
CA SER B 68 -17.12 7.16 25.83
C SER B 68 -18.28 6.30 25.37
N HIS B 69 -18.05 5.33 24.48
CA HIS B 69 -19.12 4.50 23.91
C HIS B 69 -18.84 3.03 24.18
N PRO B 70 -19.40 2.46 25.26
CA PRO B 70 -19.06 1.08 25.63
C PRO B 70 -19.38 0.08 24.52
N ALA B 71 -18.45 -0.85 24.30
CA ALA B 71 -18.45 -1.67 23.10
C ALA B 71 -18.44 -3.17 23.40
N ASP B 72 -18.86 -3.59 24.59
CA ASP B 72 -18.93 -5.03 24.87
C ASP B 72 -19.78 -5.79 23.84
N GLU B 73 -20.85 -5.17 23.34
CA GLU B 73 -21.69 -5.84 22.35
C GLU B 73 -20.96 -6.06 21.03
N LYS B 74 -20.04 -5.16 20.66
CA LYS B 74 -19.24 -5.39 19.46
C LYS B 74 -18.32 -6.59 19.64
N ALA B 75 -17.68 -6.71 20.80
CA ALA B 75 -16.84 -7.87 21.05
C ALA B 75 -17.66 -9.16 21.04
N GLU B 76 -18.84 -9.15 21.66
CA GLU B 76 -19.69 -10.33 21.62
C GLU B 76 -20.14 -10.65 20.20
N HIS B 77 -20.37 -9.62 19.38
CA HIS B 77 -20.73 -9.86 17.99
C HIS B 77 -19.62 -10.59 17.24
N LEU B 78 -18.37 -10.22 17.48
CA LEU B 78 -17.27 -10.92 16.82
C LEU B 78 -17.18 -12.39 17.26
N GLN B 79 -17.40 -12.68 18.55
CA GLN B 79 -17.32 -14.07 19.02
C GLN B 79 -18.43 -14.92 18.40
N LYS B 80 -19.67 -14.43 18.45
CA LYS B 80 -20.84 -15.16 17.94
C LYS B 80 -20.76 -15.37 16.43
N THR B 81 -20.24 -14.37 15.71
CA THR B 81 -20.33 -14.38 14.26
C THR B 81 -19.14 -15.10 13.62
N TYR B 82 -17.93 -14.98 14.19
CA TYR B 82 -16.74 -15.54 13.59
C TYR B 82 -16.05 -16.59 14.43
N GLY B 83 -16.50 -16.83 15.66
CA GLY B 83 -15.87 -17.87 16.46
C GLY B 83 -14.51 -17.53 17.01
N VAL B 84 -14.13 -16.26 17.04
CA VAL B 84 -12.84 -15.82 17.59
C VAL B 84 -13.06 -15.35 19.03
N HIS B 85 -11.98 -15.25 19.78
CA HIS B 85 -12.03 -14.59 21.09
C HIS B 85 -12.00 -13.08 20.90
N SER B 86 -12.85 -12.37 21.66
CA SER B 86 -12.88 -10.91 21.62
C SER B 86 -13.35 -10.36 22.97
N LYS B 87 -12.77 -9.21 23.34
CA LYS B 87 -13.09 -8.54 24.60
C LYS B 87 -12.88 -7.05 24.38
N ALA B 88 -13.73 -6.23 25.01
CA ALA B 88 -13.66 -4.78 24.86
C ALA B 88 -13.10 -4.15 26.12
N TYR B 89 -12.34 -3.08 25.95
CA TYR B 89 -11.58 -2.44 27.03
C TYR B 89 -11.81 -0.94 27.00
N LYS B 90 -12.00 -0.34 28.17
CA LYS B 90 -12.13 1.10 28.29
C LYS B 90 -10.78 1.73 28.61
N CYS B 91 -10.42 2.81 27.89
CA CYS B 91 -9.16 3.48 28.18
C CYS B 91 -9.17 4.89 27.58
N ASN B 92 -8.78 5.87 28.40
CA ASN B 92 -8.50 7.21 27.90
C ASN B 92 -7.07 7.23 27.37
N ILE B 93 -6.92 7.38 26.04
CA ILE B 93 -5.64 7.11 25.42
C ILE B 93 -4.63 8.20 25.78
N SER B 94 -5.11 9.35 26.28
CA SER B 94 -4.33 10.47 26.78
C SER B 94 -3.61 10.17 28.09
N ASP B 95 -4.00 9.10 28.78
CA ASP B 95 -3.46 8.77 30.09
C ASP B 95 -2.45 7.66 29.93
N PRO B 96 -1.15 7.94 30.06
CA PRO B 96 -0.15 6.89 29.74
C PRO B 96 -0.18 5.70 30.68
N LYS B 97 -0.53 5.90 31.95
CA LYS B 97 -0.62 4.76 32.86
C LYS B 97 -1.74 3.83 32.45
N SER B 98 -2.87 4.41 32.03
CA SER B 98 -4.01 3.63 31.61
C SER B 98 -3.72 2.87 30.32
N VAL B 99 -2.96 3.48 29.41
CA VAL B 99 -2.59 2.79 28.17
C VAL B 99 -1.72 1.58 28.49
N GLU B 100 -0.73 1.77 29.37
CA GLU B 100 0.15 0.68 29.76
C GLU B 100 -0.65 -0.45 30.40
N GLU B 101 -1.53 -0.11 31.33
CA GLU B 101 -2.29 -1.13 32.04
C GLU B 101 -3.21 -1.90 31.09
N THR B 102 -3.81 -1.20 30.12
CA THR B 102 -4.71 -1.83 29.17
C THR B 102 -3.96 -2.79 28.25
N ILE B 103 -2.81 -2.38 27.75
CA ILE B 103 -2.02 -3.27 26.89
C ILE B 103 -1.49 -4.47 27.68
N SER B 104 -1.04 -4.25 28.92
CA SER B 104 -0.61 -5.37 29.76
C SER B 104 -1.76 -6.36 30.01
N GLN B 105 -2.97 -5.83 30.25
CA GLN B 105 -4.09 -6.72 30.54
C GLN B 105 -4.48 -7.53 29.31
N GLN B 106 -4.40 -6.91 28.13
CA GLN B 106 -4.69 -7.63 26.90
C GLN B 106 -3.68 -8.73 26.63
N GLU B 107 -2.39 -8.46 26.84
CA GLU B 107 -1.37 -9.49 26.71
C GLU B 107 -1.67 -10.68 27.62
N LYS B 108 -2.12 -10.41 28.84
CA LYS B 108 -2.44 -11.49 29.77
C LYS B 108 -3.73 -12.20 29.36
N ASP B 109 -4.74 -11.45 28.91
CA ASP B 109 -6.02 -12.05 28.56
C ASP B 109 -5.92 -12.91 27.32
N PHE B 110 -5.14 -12.46 26.32
CA PHE B 110 -5.02 -13.14 25.04
C PHE B 110 -3.75 -13.96 24.87
N GLY B 111 -2.75 -13.75 25.73
CA GLY B 111 -1.51 -14.51 25.63
C GLY B 111 -0.39 -13.74 24.96
N THR B 112 -0.76 -12.97 23.94
CA THR B 112 0.20 -12.17 23.20
C THR B 112 -0.58 -11.15 22.39
N ILE B 113 0.13 -10.25 21.73
CA ILE B 113 -0.43 -9.39 20.68
C ILE B 113 0.50 -9.47 19.47
N ASP B 114 -0.05 -9.81 18.30
CA ASP B 114 0.74 -9.91 17.08
C ASP B 114 0.63 -8.69 16.19
N VAL B 115 -0.52 -8.03 16.22
CA VAL B 115 -0.89 -6.92 15.35
C VAL B 115 -1.49 -5.85 16.23
N PHE B 116 -0.97 -4.62 16.14
CA PHE B 116 -1.51 -3.50 16.90
C PHE B 116 -1.85 -2.38 15.93
N VAL B 117 -3.05 -1.81 16.07
CA VAL B 117 -3.48 -0.67 15.24
C VAL B 117 -3.76 0.50 16.19
N ALA B 118 -2.94 1.54 16.12
CA ALA B 118 -3.15 2.76 16.90
C ALA B 118 -4.00 3.71 16.05
N ASN B 119 -5.32 3.64 16.26
CA ASN B 119 -6.30 4.25 15.39
C ASN B 119 -7.16 5.34 16.05
N ALA B 120 -7.32 5.32 17.37
CA ALA B 120 -8.17 6.31 18.03
C ALA B 120 -7.70 7.72 17.74
N GLY B 121 -8.66 8.63 17.56
CA GLY B 121 -8.32 10.01 17.28
C GLY B 121 -9.54 10.91 17.33
N VAL B 122 -9.29 12.20 17.49
CA VAL B 122 -10.33 13.23 17.47
C VAL B 122 -9.96 14.32 16.47
N THR B 123 -10.99 14.97 15.93
CA THR B 123 -10.76 16.09 15.02
C THR B 123 -10.64 17.42 15.73
N TRP B 124 -10.08 18.37 14.98
CA TRP B 124 -10.14 19.78 15.31
C TRP B 124 -11.32 20.40 14.57
N THR B 125 -12.19 21.10 15.29
CA THR B 125 -13.39 21.66 14.67
C THR B 125 -13.56 23.16 14.94
N GLN B 126 -12.55 23.83 15.50
CA GLN B 126 -12.52 25.22 15.94
C GLN B 126 -12.21 26.25 14.84
N GLY B 127 -11.86 25.81 13.63
CA GLY B 127 -11.52 26.75 12.58
C GLY B 127 -10.12 27.31 12.70
N PRO B 128 -9.84 28.45 12.07
CA PRO B 128 -8.47 28.98 12.11
C PRO B 128 -7.96 29.24 13.52
N GLU B 129 -6.77 28.68 13.78
CA GLU B 129 -6.12 28.76 15.09
C GLU B 129 -5.93 30.16 15.66
N ILE B 130 -5.82 31.17 14.80
CA ILE B 130 -5.42 32.49 15.27
C ILE B 130 -6.43 33.04 16.27
N ASP B 131 -7.69 32.59 16.17
CA ASP B 131 -8.79 33.03 17.03
C ASP B 131 -9.01 32.11 18.23
N VAL B 132 -8.23 31.04 18.37
CA VAL B 132 -8.44 30.04 19.41
C VAL B 132 -7.34 30.25 20.44
N ASP B 133 -7.67 30.96 21.51
CA ASP B 133 -6.70 31.34 22.52
C ASP B 133 -6.68 30.35 23.67
N ASN B 134 -5.64 30.50 24.49
CA ASN B 134 -5.31 29.62 25.59
C ASN B 134 -4.92 28.36 24.79
N TYR B 135 -4.45 27.28 25.37
CA TYR B 135 -3.97 26.24 24.47
C TYR B 135 -4.69 24.91 24.68
N ASP B 136 -5.90 24.96 25.21
CA ASP B 136 -6.57 23.73 25.62
C ASP B 136 -6.91 22.86 24.41
N SER B 137 -7.34 23.47 23.31
CA SER B 137 -7.68 22.70 22.12
C SER B 137 -6.43 22.13 21.45
N TRP B 138 -5.39 22.95 21.31
CA TRP B 138 -4.10 22.44 20.82
C TRP B 138 -3.65 21.25 21.66
N ASN B 139 -3.67 21.40 23.00
CA ASN B 139 -3.20 20.34 23.88
C ASN B 139 -4.03 19.09 23.74
N LYS B 140 -5.34 19.23 23.54
CA LYS B 140 -6.19 18.06 23.40
C LYS B 140 -5.83 17.28 22.13
N ILE B 141 -5.64 17.99 21.01
CA ILE B 141 -5.28 17.32 19.76
C ILE B 141 -3.95 16.60 19.91
N ILE B 142 -2.92 17.31 20.41
CA ILE B 142 -1.61 16.69 20.56
C ILE B 142 -1.67 15.51 21.51
N SER B 143 -2.43 15.65 22.61
CA SER B 143 -2.50 14.59 23.61
C SER B 143 -3.12 13.31 23.07
N VAL B 144 -4.26 13.42 22.38
CA VAL B 144 -4.94 12.22 21.89
C VAL B 144 -4.30 11.72 20.60
N ASP B 145 -4.04 12.62 19.66
CA ASP B 145 -3.68 12.24 18.30
C ASP B 145 -2.19 12.01 18.10
N LEU B 146 -1.32 12.46 19.03
CA LEU B 146 0.11 12.18 18.97
C LEU B 146 0.60 11.47 20.23
N ASN B 147 0.44 12.07 21.42
CA ASN B 147 0.95 11.41 22.62
C ASN B 147 0.32 10.04 22.82
N GLY B 148 -1.01 9.96 22.64
CA GLY B 148 -1.70 8.69 22.79
C GLY B 148 -1.18 7.62 21.85
N VAL B 149 -0.88 8.02 20.61
CA VAL B 149 -0.26 7.11 19.66
C VAL B 149 1.12 6.68 20.13
N TYR B 150 1.90 7.61 20.70
CA TYR B 150 3.22 7.23 21.20
C TYR B 150 3.13 6.32 22.43
N TYR B 151 2.19 6.59 23.34
CA TYR B 151 2.06 5.71 24.50
C TYR B 151 1.76 4.28 24.09
N CYS B 152 0.86 4.12 23.12
CA CYS B 152 0.56 2.81 22.59
C CYS B 152 1.81 2.17 21.98
N SER B 153 2.54 2.93 21.15
CA SER B 153 3.72 2.38 20.48
C SER B 153 4.81 1.96 21.47
N HIS B 154 5.12 2.84 22.44
CA HIS B 154 6.15 2.52 23.41
C HIS B 154 5.86 1.21 24.11
N ASN B 155 4.60 0.98 24.50
CA ASN B 155 4.26 -0.23 25.23
C ASN B 155 4.25 -1.47 24.34
N ILE B 156 3.67 -1.38 23.13
CA ILE B 156 3.57 -2.58 22.32
C ILE B 156 4.94 -2.98 21.80
N GLY B 157 5.85 -2.01 21.58
CA GLY B 157 7.19 -2.35 21.14
C GLY B 157 7.89 -3.30 22.10
N LYS B 158 7.62 -3.16 23.41
CA LYS B 158 8.24 -4.07 24.38
C LYS B 158 7.76 -5.50 24.21
N ILE B 159 6.47 -5.67 23.90
CA ILE B 159 5.92 -7.00 23.67
C ILE B 159 6.48 -7.60 22.39
N PHE B 160 6.53 -6.79 21.31
CA PHE B 160 7.08 -7.27 20.05
C PHE B 160 8.54 -7.67 20.21
N LYS B 161 9.31 -6.91 20.99
CA LYS B 161 10.73 -7.24 21.18
C LYS B 161 10.90 -8.52 21.99
N LYS B 162 10.07 -8.71 23.00
CA LYS B 162 10.13 -9.96 23.78
C LYS B 162 9.80 -11.16 22.93
N ASN B 163 8.85 -11.02 22.01
CA ASN B 163 8.40 -12.12 21.18
C ASN B 163 9.17 -12.23 19.87
N GLY B 164 9.92 -11.21 19.51
CA GLY B 164 10.66 -11.21 18.26
C GLY B 164 9.83 -11.09 17.00
N LYS B 165 8.59 -10.59 17.11
CA LYS B 165 7.76 -10.41 15.92
C LYS B 165 6.64 -9.42 16.24
N GLY B 166 6.11 -8.79 15.21
CA GLY B 166 4.94 -7.94 15.38
C GLY B 166 4.76 -7.01 14.20
N SER B 167 3.52 -6.53 14.04
CA SER B 167 3.18 -5.51 13.04
C SER B 167 2.38 -4.40 13.71
N LEU B 168 2.93 -3.17 13.69
CA LEU B 168 2.24 -1.99 14.19
C LEU B 168 1.76 -1.14 13.02
N ILE B 169 0.47 -0.81 13.01
CA ILE B 169 -0.11 0.09 12.02
C ILE B 169 -0.64 1.31 12.76
N ILE B 170 -0.28 2.50 12.29
CA ILE B 170 -0.80 3.74 12.85
C ILE B 170 -1.77 4.34 11.84
N THR B 171 -2.97 4.70 12.29
CA THR B 171 -3.87 5.42 11.39
C THR B 171 -3.47 6.88 11.40
N SER B 172 -2.89 7.34 10.30
CA SER B 172 -2.59 8.76 10.12
C SER B 172 -3.73 9.40 9.32
N SER B 173 -3.46 10.12 8.23
CA SER B 173 -4.48 10.80 7.44
C SER B 173 -3.76 11.43 6.24
N ILE B 174 -4.55 11.75 5.20
CA ILE B 174 -4.04 12.66 4.18
C ILE B 174 -3.65 13.99 4.81
N SER B 175 -4.23 14.34 5.97
CA SER B 175 -3.86 15.57 6.66
C SER B 175 -2.41 15.59 7.09
N GLY B 176 -1.76 14.42 7.15
CA GLY B 176 -0.32 14.38 7.39
C GLY B 176 0.55 14.73 6.21
N LYS B 177 -0.03 14.75 5.00
CA LYS B 177 0.69 15.08 3.76
C LYS B 177 0.26 16.40 3.13
N ILE B 178 -1.01 16.78 3.28
CA ILE B 178 -1.55 17.98 2.67
C ILE B 178 -2.25 18.81 3.75
N VAL B 179 -2.70 20.00 3.36
CA VAL B 179 -3.42 20.94 4.21
C VAL B 179 -4.89 20.97 3.79
N ASN B 180 -5.78 20.44 4.63
CA ASN B 180 -7.19 20.37 4.26
C ASN B 180 -7.78 21.76 4.04
N ILE B 181 -8.66 21.85 3.04
CA ILE B 181 -9.46 23.04 2.75
C ILE B 181 -10.88 22.62 2.43
N PRO B 182 -11.87 23.50 2.73
CA PRO B 182 -11.77 24.84 3.32
C PRO B 182 -11.79 24.85 4.85
N GLN B 183 -12.00 23.70 5.49
CA GLN B 183 -12.01 23.62 6.94
C GLN B 183 -10.57 23.68 7.46
N LEU B 184 -10.24 24.71 8.22
CA LEU B 184 -8.86 24.98 8.59
C LEU B 184 -8.55 24.33 9.93
N GLN B 185 -7.52 23.49 9.95
CA GLN B 185 -7.31 22.59 11.09
C GLN B 185 -5.81 22.31 11.27
N ALA B 186 -5.00 23.37 11.25
CA ALA B 186 -3.55 23.23 11.45
C ALA B 186 -3.14 22.29 12.57
N PRO B 187 -3.73 22.30 13.78
CA PRO B 187 -3.23 21.40 14.83
C PRO B 187 -3.44 19.92 14.52
N TYR B 188 -4.56 19.56 13.90
CA TYR B 188 -4.81 18.18 13.50
C TYR B 188 -3.81 17.75 12.43
N ASN B 189 -3.60 18.59 11.40
CA ASN B 189 -2.64 18.26 10.36
C ASN B 189 -1.26 18.05 10.95
N THR B 190 -0.88 18.91 11.89
CA THR B 190 0.41 18.81 12.56
C THR B 190 0.58 17.48 13.28
N ALA B 191 -0.45 17.08 14.04
CA ALA B 191 -0.40 15.80 14.75
C ALA B 191 -0.29 14.62 13.79
N LYS B 192 -1.00 14.68 12.66
CA LYS B 192 -0.95 13.52 11.76
C LYS B 192 0.37 13.44 11.01
N ALA B 193 0.98 14.58 10.65
CA ALA B 193 2.32 14.54 10.07
C ALA B 193 3.31 13.94 11.05
N ALA B 194 3.16 14.29 12.34
CA ALA B 194 4.01 13.69 13.36
C ALA B 194 3.83 12.19 13.42
N CYS B 195 2.57 11.73 13.35
CA CYS B 195 2.28 10.31 13.39
C CYS B 195 2.97 9.58 12.24
N THR B 196 2.88 10.15 11.04
CA THR B 196 3.47 9.49 9.87
C THR B 196 4.98 9.34 10.03
N HIS B 197 5.66 10.36 10.58
CA HIS B 197 7.10 10.27 10.69
C HIS B 197 7.54 9.53 11.94
N LEU B 198 6.71 9.50 12.99
CA LEU B 198 6.97 8.61 14.12
C LEU B 198 7.00 7.15 13.66
N ALA B 199 6.06 6.78 12.79
CA ALA B 199 6.03 5.43 12.27
C ALA B 199 7.29 5.08 11.50
N LYS B 200 7.74 5.98 10.62
CA LYS B 200 8.97 5.74 9.89
C LYS B 200 10.16 5.61 10.84
N SER B 201 10.22 6.47 11.87
CA SER B 201 11.33 6.44 12.82
C SER B 201 11.35 5.13 13.61
N LEU B 202 10.18 4.68 14.08
CA LEU B 202 10.09 3.39 14.78
C LEU B 202 10.40 2.21 13.85
N ALA B 203 10.12 2.33 12.55
CA ALA B 203 10.46 1.25 11.63
C ALA B 203 11.96 0.92 11.67
N ILE B 204 12.81 1.94 11.72
CA ILE B 204 14.24 1.69 11.93
C ILE B 204 14.54 1.12 13.30
N GLU B 205 13.98 1.70 14.36
CA GLU B 205 14.37 1.28 15.71
C GLU B 205 13.91 -0.14 16.02
N TRP B 206 12.77 -0.57 15.45
CA TRP B 206 12.18 -1.86 15.78
C TRP B 206 12.48 -2.94 14.75
N ALA B 207 13.25 -2.63 13.72
CA ALA B 207 13.50 -3.53 12.60
C ALA B 207 13.93 -4.95 12.99
N PRO B 208 14.70 -5.17 14.07
CA PRO B 208 15.05 -6.56 14.41
C PRO B 208 13.86 -7.40 14.84
N PHE B 209 12.73 -6.80 15.22
CA PHE B 209 11.65 -7.57 15.80
C PHE B 209 10.25 -7.16 15.35
N ALA B 210 10.08 -6.16 14.50
CA ALA B 210 8.71 -5.78 14.12
C ALA B 210 8.75 -4.89 12.89
N ARG B 211 7.61 -4.83 12.19
CA ARG B 211 7.39 -3.86 11.13
C ARG B 211 6.46 -2.76 11.63
N VAL B 212 6.63 -1.55 11.10
CA VAL B 212 5.82 -0.38 11.45
C VAL B 212 5.42 0.35 10.17
N ASN B 213 4.12 0.64 10.00
CA ASN B 213 3.61 1.30 8.81
C ASN B 213 2.43 2.19 9.18
N THR B 214 2.04 3.08 8.26
CA THR B 214 0.80 3.84 8.43
C THR B 214 -0.19 3.54 7.31
N ILE B 215 -1.48 3.68 7.65
CA ILE B 215 -2.55 3.87 6.67
C ILE B 215 -2.95 5.35 6.73
N SER B 216 -2.98 6.02 5.56
CA SER B 216 -3.45 7.40 5.53
C SER B 216 -4.76 7.47 4.74
N PRO B 217 -5.92 7.43 5.38
CA PRO B 217 -7.18 7.57 4.64
C PRO B 217 -7.40 9.01 4.20
N GLY B 218 -8.09 9.15 3.06
CA GLY B 218 -8.74 10.39 2.69
C GLY B 218 -10.09 10.52 3.36
N TYR B 219 -11.03 11.19 2.69
CA TYR B 219 -12.36 11.42 3.26
C TYR B 219 -13.19 10.14 3.23
N ILE B 220 -13.52 9.61 4.40
CA ILE B 220 -14.24 8.35 4.54
C ILE B 220 -15.57 8.65 5.22
N ASP B 221 -16.64 8.02 4.75
CA ASP B 221 -17.96 8.29 5.31
C ASP B 221 -18.11 7.65 6.68
N THR B 222 -17.68 8.37 7.72
CA THR B 222 -17.94 8.02 9.11
C THR B 222 -18.57 9.22 9.80
N ASP B 223 -18.62 9.21 11.13
CA ASP B 223 -19.16 10.33 11.90
C ASP B 223 -18.14 11.43 12.18
N ILE B 224 -16.85 11.16 11.97
CA ILE B 224 -15.84 12.12 12.40
C ILE B 224 -15.95 13.41 11.60
N THR B 225 -16.65 13.36 10.46
CA THR B 225 -16.85 14.49 9.57
C THR B 225 -18.29 15.01 9.59
N ASP B 226 -19.05 14.71 10.65
CA ASP B 226 -20.42 15.19 10.73
C ASP B 226 -20.51 16.67 11.04
N PHE B 227 -19.40 17.32 11.38
CA PHE B 227 -19.34 18.77 11.47
C PHE B 227 -19.41 19.45 10.10
N ALA B 228 -19.58 18.68 9.02
CA ALA B 228 -19.38 19.17 7.66
C ALA B 228 -20.72 19.52 7.02
N SER B 229 -20.86 20.77 6.61
CA SER B 229 -22.00 21.17 5.84
C SER B 229 -21.98 20.49 4.47
N LYS B 230 -23.17 20.37 3.90
CA LYS B 230 -23.37 19.97 2.52
C LYS B 230 -22.43 20.67 1.53
N ASP B 231 -22.23 21.98 1.67
CA ASP B 231 -21.37 22.68 0.71
C ASP B 231 -19.89 22.40 0.95
N MET B 232 -19.51 22.10 2.19
CA MET B 232 -18.11 21.75 2.44
C MET B 232 -17.78 20.39 1.81
N LYS B 233 -18.65 19.40 2.01
CA LYS B 233 -18.45 18.08 1.41
C LYS B 233 -18.42 18.15 -0.10
N ALA B 234 -19.26 19.02 -0.69
CA ALA B 234 -19.27 19.17 -2.15
C ALA B 234 -17.89 19.59 -2.66
N LYS B 235 -17.23 20.52 -1.94
CA LYS B 235 -15.90 20.94 -2.36
C LYS B 235 -14.89 19.81 -2.26
N TRP B 236 -14.95 19.02 -1.17
CA TRP B 236 -14.11 17.84 -1.07
C TRP B 236 -14.30 16.95 -2.29
N TRP B 237 -15.55 16.69 -2.69
CA TRP B 237 -15.78 15.81 -3.83
C TRP B 237 -15.19 16.39 -5.11
N GLN B 238 -15.31 17.73 -5.30
CA GLN B 238 -14.78 18.38 -6.50
C GLN B 238 -13.26 18.22 -6.63
N LEU B 239 -12.56 18.09 -5.51
CA LEU B 239 -11.11 18.01 -5.48
C LEU B 239 -10.61 16.57 -5.39
N THR B 240 -11.51 15.60 -5.29
CA THR B 240 -11.13 14.20 -5.19
C THR B 240 -11.18 13.55 -6.56
N PRO B 241 -10.08 13.04 -7.10
CA PRO B 241 -10.13 12.47 -8.46
C PRO B 241 -11.21 11.41 -8.68
N LEU B 242 -11.49 10.53 -7.70
CA LEU B 242 -12.58 9.57 -7.91
C LEU B 242 -13.97 10.18 -7.77
N GLY B 243 -14.09 11.39 -7.21
CA GLY B 243 -15.36 12.11 -7.22
C GLY B 243 -16.33 11.82 -6.08
N ARG B 244 -15.83 11.28 -4.97
CA ARG B 244 -16.69 10.83 -3.87
C ARG B 244 -15.84 10.61 -2.63
N GLU B 245 -16.54 10.39 -1.52
CA GLU B 245 -15.94 9.89 -0.29
C GLU B 245 -15.79 8.38 -0.37
N GLY B 246 -14.87 7.81 0.48
CA GLY B 246 -14.70 6.38 0.53
C GLY B 246 -15.56 5.72 1.60
N LEU B 247 -15.74 4.39 1.49
CA LEU B 247 -16.39 3.57 2.50
C LEU B 247 -15.37 2.94 3.42
N THR B 248 -15.77 2.62 4.66
CA THR B 248 -14.83 1.91 5.52
C THR B 248 -14.42 0.57 4.92
N GLN B 249 -15.31 -0.07 4.16
CA GLN B 249 -14.96 -1.34 3.52
C GLN B 249 -13.86 -1.18 2.47
N GLU B 250 -13.57 0.05 2.05
CA GLU B 250 -12.50 0.29 1.09
C GLU B 250 -11.16 0.52 1.78
N LEU B 251 -11.14 0.48 3.12
CA LEU B 251 -9.90 0.59 3.89
C LEU B 251 -9.41 -0.75 4.41
N VAL B 252 -10.31 -1.71 4.63
CA VAL B 252 -9.94 -2.89 5.40
C VAL B 252 -8.93 -3.75 4.63
N GLY B 253 -8.96 -3.74 3.29
CA GLY B 253 -7.96 -4.47 2.53
C GLY B 253 -6.55 -4.00 2.83
N GLY B 254 -6.36 -2.69 2.97
CA GLY B 254 -5.03 -2.15 3.25
C GLY B 254 -4.58 -2.45 4.67
N TYR B 255 -5.50 -2.38 5.64
CA TYR B 255 -5.18 -2.77 7.00
C TYR B 255 -4.82 -4.26 7.08
N LEU B 256 -5.50 -5.11 6.29
CA LEU B 256 -5.16 -6.54 6.32
C LEU B 256 -3.82 -6.80 5.64
N TYR B 257 -3.56 -6.10 4.53
CA TYR B 257 -2.27 -6.20 3.87
C TYR B 257 -1.11 -5.96 4.85
N LEU B 258 -1.18 -4.86 5.60
CA LEU B 258 -0.08 -4.50 6.50
C LEU B 258 0.00 -5.40 7.72
N ALA B 259 -1.15 -5.90 8.20
CA ALA B 259 -1.17 -6.70 9.42
C ALA B 259 -0.56 -8.10 9.21
N SER B 260 -0.68 -8.63 8.00
CA SER B 260 -0.47 -10.04 7.71
C SER B 260 0.90 -10.28 7.09
N ASN B 261 1.19 -11.58 6.78
CA ASN B 261 2.39 -11.98 6.08
C ASN B 261 2.36 -11.63 4.60
N ALA B 262 1.35 -10.89 4.12
CA ALA B 262 1.38 -10.38 2.76
C ALA B 262 2.42 -9.27 2.59
N SER B 263 2.94 -8.72 3.69
CA SER B 263 3.76 -7.50 3.61
C SER B 263 5.05 -7.64 4.42
N THR B 264 5.71 -8.81 4.37
CA THR B 264 6.87 -9.03 5.27
C THR B 264 8.10 -8.22 4.90
N PHE B 265 8.15 -7.59 3.72
CA PHE B 265 9.25 -6.68 3.38
C PHE B 265 8.78 -5.24 3.40
N THR B 266 7.59 -4.97 3.94
CA THR B 266 7.02 -3.63 3.94
C THR B 266 7.17 -3.03 5.34
N THR B 267 8.00 -2.00 5.45
CA THR B 267 8.09 -1.29 6.71
C THR B 267 8.49 0.15 6.44
N GLY B 268 8.07 1.04 7.34
CA GLY B 268 8.30 2.46 7.13
C GLY B 268 7.48 3.07 6.01
N SER B 269 6.45 2.39 5.55
CA SER B 269 5.68 2.87 4.40
C SER B 269 4.39 3.53 4.84
N ASP B 270 3.87 4.40 3.96
CA ASP B 270 2.62 5.12 4.15
C ASP B 270 1.69 4.71 3.03
N VAL B 271 0.69 3.88 3.34
CA VAL B 271 -0.29 3.37 2.37
C VAL B 271 -1.44 4.37 2.32
N VAL B 272 -1.50 5.18 1.25
CA VAL B 272 -2.51 6.23 1.11
C VAL B 272 -3.75 5.68 0.41
N ILE B 273 -4.93 5.88 1.02
CA ILE B 273 -6.20 5.36 0.51
C ILE B 273 -7.17 6.54 0.49
N ASP B 274 -7.16 7.31 -0.62
CA ASP B 274 -7.77 8.64 -0.60
C ASP B 274 -8.49 9.01 -1.89
N GLY B 275 -8.80 8.05 -2.76
CA GLY B 275 -9.47 8.40 -4.01
C GLY B 275 -8.67 9.32 -4.90
N GLY B 276 -7.35 9.42 -4.65
CA GLY B 276 -6.49 10.31 -5.41
C GLY B 276 -6.32 11.72 -4.85
N TYR B 277 -6.89 12.03 -3.67
CA TYR B 277 -6.96 13.42 -3.18
C TYR B 277 -5.59 14.10 -3.15
N THR B 278 -4.55 13.37 -2.73
CA THR B 278 -3.22 13.99 -2.60
C THR B 278 -2.48 14.16 -3.92
N CYS B 279 -3.07 13.77 -5.05
CA CYS B 279 -2.38 13.91 -6.34
C CYS B 279 -2.50 15.28 -7.00
N PRO B 280 -3.68 15.90 -7.10
CA PRO B 280 -3.72 17.22 -7.74
C PRO B 280 -2.79 18.21 -6.98
PA NDP C . 14.19 -9.20 -14.86
O1A NDP C . 14.20 -10.50 -14.15
O2A NDP C . 15.38 -8.82 -15.70
O5B NDP C . 12.80 -9.08 -15.70
C5B NDP C . 12.99 -8.16 -16.75
C4B NDP C . 11.75 -8.35 -17.67
O4B NDP C . 11.58 -7.27 -18.56
C3B NDP C . 11.88 -9.67 -18.48
O3B NDP C . 10.63 -10.29 -18.56
C2B NDP C . 12.25 -9.18 -19.87
O2B NDP C . 11.77 -9.95 -20.86
C1B NDP C . 11.42 -7.84 -19.87
N9A NDP C . 11.95 -6.93 -20.88
C8A NDP C . 13.19 -6.29 -20.92
N7A NDP C . 13.37 -5.54 -22.01
C5A NDP C . 12.18 -5.72 -22.73
C6A NDP C . 11.74 -5.22 -23.96
N6A NDP C . 12.53 -4.37 -24.72
N1A NDP C . 10.50 -5.53 -24.44
C2A NDP C . 9.77 -6.36 -23.64
N3A NDP C . 10.05 -6.91 -22.46
C4A NDP C . 11.29 -6.57 -22.03
O3 NDP C . 14.25 -8.07 -13.63
PN NDP C . 13.00 -7.82 -12.64
O1N NDP C . 11.91 -8.82 -12.64
O2N NDP C . 13.63 -7.40 -11.33
O5D NDP C . 12.36 -6.30 -13.23
C5D NDP C . 10.99 -6.21 -13.35
C4D NDP C . 10.63 -4.74 -13.09
O4D NDP C . 10.97 -4.46 -11.73
C3D NDP C . 11.49 -3.75 -13.95
O3D NDP C . 10.68 -2.64 -14.33
C2D NDP C . 12.52 -3.24 -12.95
O2D NDP C . 12.92 -1.93 -13.27
C1D NDP C . 11.65 -3.22 -11.69
N1N NDP C . 12.42 -3.18 -10.41
C2N NDP C . 13.25 -4.23 -9.99
C3N NDP C . 13.82 -4.19 -8.74
C7N NDP C . 14.69 -5.28 -8.24
O7N NDP C . 15.52 -5.10 -7.33
N7N NDP C . 14.60 -6.53 -8.81
C4N NDP C . 13.65 -3.03 -7.83
C5N NDP C . 12.75 -2.01 -8.36
C6N NDP C . 12.20 -2.09 -9.57
P2B NDP C . 12.84 -11.17 -21.60
O1X NDP C . 13.53 -10.31 -22.61
O2X NDP C . 11.80 -12.15 -22.13
O3X NDP C . 13.64 -11.61 -20.40
PA NDP D . -14.82 8.06 14.97
O1A NDP D . -15.09 9.32 15.70
O2A NDP D . -15.94 7.27 14.38
O5B NDP D . -13.89 7.04 15.88
C5B NDP D . -13.25 7.77 16.90
C4B NDP D . -12.62 6.71 17.83
O4B NDP D . -11.60 7.27 18.65
C3B NDP D . -13.76 6.14 18.75
O3B NDP D . -13.54 4.79 18.96
C2B NDP D . -13.49 6.85 20.08
O2B NDP D . -13.82 6.13 21.18
C1B NDP D . -11.92 6.94 19.99
N9A NDP D . -11.41 7.96 20.89
C8A NDP D . -11.59 9.35 20.83
N7A NDP D . -11.00 10.00 21.84
C5A NDP D . -10.39 8.97 22.58
C6A NDP D . -9.62 8.98 23.76
N6A NDP D . -9.34 10.19 24.39
N1A NDP D . -9.13 7.83 24.32
C2A NDP D . -9.47 6.68 23.62
N3A NDP D . -10.21 6.53 22.50
C4A NDP D . -10.66 7.70 22.01
O3 NDP D . -13.88 8.69 13.75
PN NDP D . -13.15 7.67 12.72
O1N NDP D . -13.36 6.22 12.91
O2N NDP D . -13.26 8.29 11.34
O5D NDP D . -11.46 7.98 13.09
C5D NDP D . -10.68 6.88 13.21
C4D NDP D . -9.24 7.32 12.88
O4D NDP D . -9.20 7.65 11.49
C3D NDP D . -8.86 8.64 13.64
O3D NDP D . -7.50 8.57 14.00
C2D NDP D . -9.03 9.72 12.56
O2D NDP D . -8.18 10.83 12.74
C1D NDP D . -8.55 8.89 11.34
N1N NDP D . -9.02 9.42 10.06
C2N NDP D . -10.39 9.50 9.79
C3N NDP D . -10.81 9.89 8.53
C7N NDP D . -12.23 9.96 8.24
O7N NDP D . -13.15 9.42 8.87
N7N NDP D . -12.54 10.65 7.10
C4N NDP D . -9.87 10.24 7.45
C5N NDP D . -8.46 10.14 7.85
C6N NDP D . -8.10 9.77 9.09
P2B NDP D . -15.43 6.48 21.87
O1X NDP D . -15.04 7.62 22.76
O2X NDP D . -16.35 6.79 20.68
O3X NDP D . -15.64 5.15 22.55
#